data_2F9H
#
_entry.id   2F9H
#
_cell.length_a   58.249
_cell.length_b   58.249
_cell.length_c   140.443
_cell.angle_alpha   90.00
_cell.angle_beta   90.00
_cell.angle_gamma   120.00
#
_symmetry.space_group_name_H-M   'P 32 2 1'
#
loop_
_entity.id
_entity.type
_entity.pdbx_description
1 polymer 'PTS system, IIA component'
2 water water
#
_entity_poly.entity_id   1
_entity_poly.type   'polypeptide(L)'
_entity_poly.pdbx_seq_one_letter_code
;SNA(MSE)GWK(MSE)QATVTEIGKHAIDDSEK(MSE)IILFGETATDTLKQHAVIQSFPEKDQVTLAEGDHLKIGDTNY
TITKVGSFANSNLQSIAHSTLIFADAPTDEDDVIRNGVYLTPHQLPKITIGTTIDYLVNGA
;
_entity_poly.pdbx_strand_id   A,B
#
# COMPACT_ATOMS: atom_id res chain seq x y z
N TRP A 6 -2.41 -11.89 22.42
CA TRP A 6 -2.32 -10.41 22.52
C TRP A 6 -3.36 -9.74 21.63
N LYS A 7 -3.90 -8.63 22.13
CA LYS A 7 -4.90 -7.82 21.41
C LYS A 7 -4.33 -6.46 21.05
N MSE A 8 -4.22 -6.19 19.76
CA MSE A 8 -3.73 -4.90 19.28
C MSE A 8 -4.93 -4.28 18.60
O MSE A 8 -5.58 -4.93 17.78
CB MSE A 8 -2.59 -5.11 18.30
CG MSE A 8 -2.16 -6.54 18.20
SE MSE A 8 -0.30 -6.73 17.79
CE MSE A 8 0.42 -6.41 19.56
N GLN A 9 -5.24 -3.04 18.93
CA GLN A 9 -6.41 -2.40 18.35
C GLN A 9 -6.11 -1.33 17.32
N ALA A 10 -6.89 -1.34 16.25
CA ALA A 10 -6.77 -0.34 15.20
C ALA A 10 -8.13 0.35 15.15
N THR A 11 -8.18 1.54 14.59
CA THR A 11 -9.44 2.28 14.47
C THR A 11 -9.62 2.84 13.07
N VAL A 12 -10.83 2.68 12.53
CA VAL A 12 -11.15 3.16 11.19
C VAL A 12 -11.28 4.69 11.18
N THR A 13 -10.55 5.34 10.29
CA THR A 13 -10.58 6.81 10.19
C THR A 13 -11.26 7.31 8.93
N GLU A 14 -11.43 6.43 7.95
CA GLU A 14 -12.06 6.79 6.69
C GLU A 14 -12.57 5.52 6.03
N ILE A 15 -13.48 5.67 5.08
CA ILE A 15 -14.01 4.53 4.34
C ILE A 15 -14.25 5.04 2.94
N GLY A 16 -13.45 4.58 1.98
CA GLY A 16 -13.61 5.02 0.61
C GLY A 16 -14.95 4.63 0.01
N LYS A 17 -15.43 5.43 -0.95
CA LYS A 17 -16.71 5.18 -1.58
C LYS A 17 -16.79 3.85 -2.32
N HIS A 18 -15.65 3.24 -2.60
CA HIS A 18 -15.64 1.96 -3.30
C HIS A 18 -15.00 0.88 -2.45
N ALA A 19 -14.86 1.18 -1.17
CA ALA A 19 -14.24 0.28 -0.21
C ALA A 19 -15.04 -0.97 0.15
N ILE A 20 -16.34 -0.81 0.37
CA ILE A 20 -17.18 -1.94 0.76
C ILE A 20 -18.36 -2.26 -0.15
N ASP A 21 -18.37 -3.49 -0.68
CA ASP A 21 -19.46 -3.96 -1.55
C ASP A 21 -19.77 -5.41 -1.17
N ASP A 22 -20.95 -5.66 -0.63
CA ASP A 22 -21.33 -7.01 -0.22
C ASP A 22 -21.29 -8.05 -1.34
N SER A 23 -21.21 -7.63 -2.59
CA SER A 23 -21.20 -8.59 -3.70
C SER A 23 -19.83 -9.20 -3.96
N GLU A 24 -18.79 -8.59 -3.38
CA GLU A 24 -17.41 -9.06 -3.48
C GLU A 24 -16.94 -9.17 -2.03
N LYS A 25 -16.98 -10.39 -1.49
CA LYS A 25 -16.61 -10.65 -0.10
C LYS A 25 -15.14 -10.34 0.12
N MSE A 26 -14.81 -9.05 0.11
CA MSE A 26 -13.43 -8.66 0.23
C MSE A 26 -13.35 -7.20 0.69
O MSE A 26 -14.11 -6.39 0.21
CB MSE A 26 -12.82 -8.80 -1.15
CG MSE A 26 -11.35 -8.68 -1.24
SE MSE A 26 -10.98 -8.78 -3.12
CE MSE A 26 -10.62 -6.90 -3.39
N ILE A 27 -12.44 -6.90 1.61
CA ILE A 27 -12.27 -5.53 2.11
C ILE A 27 -10.78 -5.20 2.25
N ILE A 28 -10.32 -4.23 1.46
CA ILE A 28 -8.94 -3.79 1.50
C ILE A 28 -8.68 -2.80 2.64
N LEU A 29 -7.72 -3.11 3.50
CA LEU A 29 -7.35 -2.21 4.59
C LEU A 29 -6.06 -1.53 4.17
N PHE A 30 -5.87 -0.31 4.65
CA PHE A 30 -4.67 0.45 4.35
C PHE A 30 -4.45 1.42 5.48
N GLY A 31 -3.19 1.79 5.72
CA GLY A 31 -2.85 2.72 6.77
C GLY A 31 -2.94 4.16 6.32
N GLU A 32 -2.45 5.04 7.17
CA GLU A 32 -2.47 6.49 6.96
C GLU A 32 -1.63 7.05 5.80
N THR A 33 -0.72 6.27 5.23
CA THR A 33 0.10 6.79 4.14
C THR A 33 -0.56 6.69 2.77
N ALA A 34 -1.81 6.26 2.74
CA ALA A 34 -2.53 6.13 1.49
C ALA A 34 -2.87 7.49 0.91
N THR A 35 -2.82 7.59 -0.42
CA THR A 35 -3.19 8.82 -1.10
C THR A 35 -4.63 8.70 -1.56
N ASP A 36 -5.23 9.80 -1.98
CA ASP A 36 -6.63 9.80 -2.40
C ASP A 36 -7.07 8.73 -3.42
N THR A 37 -6.26 8.52 -4.46
CA THR A 37 -6.56 7.54 -5.50
C THR A 37 -6.70 6.13 -4.94
N LEU A 38 -6.00 5.87 -3.85
CA LEU A 38 -6.05 4.55 -3.22
C LEU A 38 -7.10 4.49 -2.11
N LYS A 39 -7.43 5.65 -1.53
CA LYS A 39 -8.42 5.70 -0.46
C LYS A 39 -9.83 5.32 -0.91
N GLN A 40 -10.18 5.67 -2.14
CA GLN A 40 -11.49 5.35 -2.65
C GLN A 40 -11.78 3.85 -2.58
N HIS A 41 -10.72 3.03 -2.57
CA HIS A 41 -10.84 1.58 -2.56
C HIS A 41 -10.66 0.89 -1.23
N ALA A 42 -10.35 1.65 -0.19
CA ALA A 42 -10.10 0.99 1.08
C ALA A 42 -10.66 1.59 2.35
N VAL A 43 -10.58 0.78 3.39
CA VAL A 43 -10.96 1.17 4.74
C VAL A 43 -9.62 1.59 5.34
N ILE A 44 -9.49 2.86 5.70
CA ILE A 44 -8.26 3.38 6.28
C ILE A 44 -8.23 3.17 7.78
N GLN A 45 -7.14 2.58 8.27
CA GLN A 45 -7.00 2.29 9.69
C GLN A 45 -5.78 2.92 10.37
N SER A 46 -5.97 3.35 11.61
CA SER A 46 -4.90 3.89 12.45
C SER A 46 -4.58 2.66 13.28
N PHE A 47 -3.44 2.03 12.99
CA PHE A 47 -3.00 0.82 13.67
C PHE A 47 -1.66 1.17 14.33
N PRO A 48 -1.71 1.72 15.56
CA PRO A 48 -0.51 2.11 16.30
C PRO A 48 0.56 1.05 16.51
N GLU A 49 0.16 -0.22 16.60
CA GLU A 49 1.10 -1.30 16.85
C GLU A 49 1.29 -2.27 15.70
N LYS A 50 1.05 -1.80 14.48
CA LYS A 50 1.19 -2.63 13.30
C LYS A 50 2.56 -3.31 13.21
N ASP A 51 3.58 -2.62 13.70
CA ASP A 51 4.94 -3.17 13.66
C ASP A 51 5.05 -4.47 14.44
N GLN A 52 4.09 -4.71 15.35
CA GLN A 52 4.10 -5.92 16.18
C GLN A 52 3.22 -7.08 15.70
N VAL A 53 2.34 -6.82 14.72
CA VAL A 53 1.41 -7.84 14.24
C VAL A 53 1.90 -9.02 13.39
N THR A 54 1.62 -10.22 13.88
CA THR A 54 1.95 -11.45 13.16
C THR A 54 0.76 -12.39 13.30
N LEU A 55 -0.03 -12.46 12.23
CA LEU A 55 -1.22 -13.30 12.20
C LEU A 55 -0.91 -14.69 11.68
N ALA A 56 -1.69 -15.66 12.17
CA ALA A 56 -1.54 -17.03 11.73
C ALA A 56 -2.93 -17.66 11.83
N GLU A 57 -3.11 -18.80 11.18
CA GLU A 57 -4.39 -19.49 11.23
C GLU A 57 -4.78 -19.76 12.68
N GLY A 58 -6.07 -19.59 13.00
CA GLY A 58 -6.51 -19.82 14.36
C GLY A 58 -6.67 -18.50 15.09
N ASP A 59 -5.88 -17.50 14.70
CA ASP A 59 -5.99 -16.19 15.33
C ASP A 59 -7.33 -15.59 14.91
N HIS A 60 -7.73 -14.50 15.56
CA HIS A 60 -9.00 -13.86 15.27
C HIS A 60 -8.87 -12.39 14.94
N LEU A 61 -9.95 -11.86 14.39
CA LEU A 61 -10.05 -10.44 14.08
C LEU A 61 -11.42 -10.09 14.54
N LYS A 62 -11.54 -9.16 15.49
CA LYS A 62 -12.85 -8.74 15.90
C LYS A 62 -13.06 -7.40 15.22
N ILE A 63 -13.97 -7.40 14.24
CA ILE A 63 -14.28 -6.21 13.46
C ILE A 63 -15.65 -5.69 13.90
N GLY A 64 -15.66 -4.57 14.61
CA GLY A 64 -16.91 -4.04 15.07
C GLY A 64 -17.63 -5.08 15.92
N ASP A 65 -18.90 -5.31 15.64
CA ASP A 65 -19.69 -6.27 16.40
C ASP A 65 -19.61 -7.72 15.90
N THR A 66 -18.51 -8.07 15.22
CA THR A 66 -18.38 -9.43 14.69
C THR A 66 -16.97 -10.01 14.82
N ASN A 67 -16.86 -11.20 15.41
CA ASN A 67 -15.58 -11.86 15.58
C ASN A 67 -15.33 -12.88 14.47
N TYR A 68 -14.15 -12.82 13.86
CA TYR A 68 -13.78 -13.73 12.78
C TYR A 68 -12.53 -14.53 13.10
N THR A 69 -12.49 -15.78 12.63
CA THR A 69 -11.31 -16.62 12.84
C THR A 69 -10.54 -16.60 11.50
N ILE A 70 -9.21 -16.53 11.58
CA ILE A 70 -8.37 -16.52 10.39
C ILE A 70 -8.16 -17.95 9.90
N THR A 71 -8.54 -18.22 8.65
CA THR A 71 -8.41 -19.56 8.07
C THR A 71 -7.21 -19.71 7.12
N LYS A 72 -6.58 -18.59 6.79
CA LYS A 72 -5.43 -18.61 5.89
C LYS A 72 -4.80 -17.22 5.81
N VAL A 73 -3.47 -17.15 5.84
CA VAL A 73 -2.77 -15.88 5.77
C VAL A 73 -1.77 -15.95 4.61
N GLY A 74 -1.84 -14.99 3.69
CA GLY A 74 -0.91 -14.95 2.57
C GLY A 74 0.51 -14.72 3.07
N SER A 75 1.51 -15.16 2.32
CA SER A 75 2.90 -15.03 2.75
C SER A 75 3.42 -13.61 2.93
N PHE A 76 2.64 -12.62 2.47
CA PHE A 76 3.02 -11.21 2.59
C PHE A 76 2.02 -10.37 3.38
N ALA A 77 1.02 -10.99 3.99
CA ALA A 77 0.03 -10.24 4.74
C ALA A 77 0.66 -9.55 5.96
N ASN A 78 1.47 -10.29 6.71
CA ASN A 78 2.09 -9.74 7.90
C ASN A 78 3.05 -8.58 7.57
N SER A 79 3.86 -8.71 6.52
CA SER A 79 4.78 -7.61 6.18
C SER A 79 4.03 -6.40 5.62
N ASN A 80 2.94 -6.65 4.91
CA ASN A 80 2.15 -5.55 4.37
C ASN A 80 1.43 -4.84 5.52
N LEU A 81 1.05 -5.61 6.55
CA LEU A 81 0.39 -4.99 7.69
C LEU A 81 1.40 -4.19 8.49
N GLN A 82 2.53 -4.82 8.79
CA GLN A 82 3.60 -4.17 9.56
C GLN A 82 4.14 -2.90 8.93
N SER A 83 4.17 -2.83 7.60
CA SER A 83 4.70 -1.66 6.91
C SER A 83 3.73 -0.52 6.58
N ILE A 84 2.58 -0.86 5.99
CA ILE A 84 1.60 0.14 5.62
C ILE A 84 0.19 -0.19 6.10
N ALA A 85 0.08 -1.15 7.03
CA ALA A 85 -1.20 -1.56 7.57
C ALA A 85 -2.13 -1.88 6.40
N HIS A 86 -1.56 -2.51 5.38
CA HIS A 86 -2.29 -2.90 4.18
C HIS A 86 -2.60 -4.39 4.17
N SER A 87 -3.82 -4.76 3.79
CA SER A 87 -4.17 -6.18 3.73
C SER A 87 -5.47 -6.37 2.97
N THR A 88 -5.66 -7.57 2.46
CA THR A 88 -6.90 -7.87 1.76
C THR A 88 -7.68 -8.83 2.65
N LEU A 89 -8.70 -8.31 3.34
CA LEU A 89 -9.55 -9.16 4.18
C LEU A 89 -10.45 -9.90 3.21
N ILE A 90 -10.39 -11.23 3.24
CA ILE A 90 -11.18 -12.05 2.33
C ILE A 90 -12.17 -12.91 3.08
N PHE A 91 -13.45 -12.62 2.87
CA PHE A 91 -14.54 -13.34 3.53
C PHE A 91 -15.04 -14.45 2.61
N ALA A 92 -14.17 -15.45 2.42
CA ALA A 92 -14.45 -16.61 1.58
C ALA A 92 -13.34 -17.63 1.84
N ASP A 93 -13.60 -18.89 1.51
CA ASP A 93 -12.59 -19.92 1.71
C ASP A 93 -11.38 -19.57 0.87
N ALA A 94 -10.20 -19.99 1.32
CA ALA A 94 -8.98 -19.73 0.57
C ALA A 94 -8.93 -20.73 -0.57
N PRO A 95 -8.34 -20.34 -1.70
CA PRO A 95 -8.27 -21.29 -2.82
C PRO A 95 -7.41 -22.51 -2.46
N THR A 96 -7.77 -23.66 -3.01
CA THR A 96 -7.03 -24.89 -2.74
C THR A 96 -5.68 -24.82 -3.42
N ASP A 97 -5.57 -23.99 -4.45
CA ASP A 97 -4.33 -23.84 -5.18
C ASP A 97 -3.53 -22.66 -4.58
N GLU A 98 -2.43 -22.99 -3.92
CA GLU A 98 -1.57 -21.99 -3.28
C GLU A 98 -1.14 -20.84 -4.18
N ASP A 99 -0.80 -21.16 -5.42
CA ASP A 99 -0.38 -20.13 -6.35
C ASP A 99 -1.52 -19.14 -6.56
N ASP A 100 -2.72 -19.49 -6.10
CA ASP A 100 -3.87 -18.60 -6.25
C ASP A 100 -4.20 -17.80 -4.99
N VAL A 101 -3.53 -18.13 -3.89
CA VAL A 101 -3.75 -17.45 -2.63
C VAL A 101 -3.27 -16.00 -2.81
N ILE A 102 -4.04 -15.05 -2.27
CA ILE A 102 -3.68 -13.64 -2.36
C ILE A 102 -2.53 -13.45 -1.38
N ARG A 103 -1.41 -12.92 -1.87
CA ARG A 103 -0.23 -12.75 -1.02
C ARG A 103 -0.41 -11.90 0.23
N ASN A 104 -1.19 -10.83 0.12
CA ASN A 104 -1.41 -9.99 1.30
C ASN A 104 -2.80 -10.25 1.88
N GLY A 105 -3.38 -11.40 1.55
CA GLY A 105 -4.71 -11.70 2.05
C GLY A 105 -4.82 -12.36 3.41
N VAL A 106 -5.93 -12.11 4.07
CA VAL A 106 -6.22 -12.73 5.35
C VAL A 106 -7.62 -13.26 5.16
N TYR A 107 -7.74 -14.58 5.14
CA TYR A 107 -9.00 -15.25 4.94
C TYR A 107 -9.75 -15.41 6.24
N LEU A 108 -11.01 -14.99 6.24
CA LEU A 108 -11.85 -15.01 7.44
C LEU A 108 -13.16 -15.77 7.33
N THR A 109 -13.65 -16.22 8.48
CA THR A 109 -14.93 -16.89 8.60
C THR A 109 -15.52 -16.43 9.95
N PRO A 110 -16.84 -16.23 10.02
CA PRO A 110 -17.86 -16.40 8.98
C PRO A 110 -17.63 -15.50 7.76
N HIS A 111 -18.28 -15.86 6.65
CA HIS A 111 -18.14 -15.11 5.40
C HIS A 111 -19.06 -13.90 5.28
N GLN A 112 -19.67 -13.50 6.39
CA GLN A 112 -20.55 -12.32 6.42
C GLN A 112 -19.70 -11.07 6.60
N LEU A 113 -19.93 -10.05 5.76
CA LEU A 113 -19.16 -8.82 5.86
C LEU A 113 -19.45 -8.13 7.17
N PRO A 114 -18.42 -7.48 7.75
CA PRO A 114 -18.60 -6.79 9.02
C PRO A 114 -19.21 -5.42 8.80
N LYS A 115 -19.83 -4.88 9.84
CA LYS A 115 -20.42 -3.55 9.75
C LYS A 115 -19.31 -2.58 10.14
N ILE A 116 -18.88 -1.77 9.17
CA ILE A 116 -17.80 -0.82 9.39
C ILE A 116 -18.21 0.63 9.20
N THR A 117 -17.81 1.50 10.14
CA THR A 117 -18.08 2.93 10.06
C THR A 117 -16.90 3.65 10.67
N ILE A 118 -16.85 4.97 10.55
CA ILE A 118 -15.77 5.75 11.13
C ILE A 118 -15.83 5.56 12.64
N GLY A 119 -14.73 5.08 13.22
CA GLY A 119 -14.70 4.86 14.65
C GLY A 119 -14.68 3.37 14.99
N THR A 120 -15.03 2.52 14.02
CA THR A 120 -15.04 1.07 14.24
C THR A 120 -13.63 0.58 14.55
N THR A 121 -13.53 -0.32 15.53
CA THR A 121 -12.24 -0.87 15.91
C THR A 121 -12.03 -2.26 15.32
N ILE A 122 -10.77 -2.59 15.08
CA ILE A 122 -10.41 -3.90 14.53
C ILE A 122 -9.40 -4.51 15.48
N ASP A 123 -9.85 -5.44 16.32
CA ASP A 123 -8.95 -6.08 17.27
C ASP A 123 -8.24 -7.30 16.67
N TYR A 124 -6.92 -7.22 16.62
CA TYR A 124 -6.10 -8.30 16.10
C TYR A 124 -5.78 -9.12 17.36
N LEU A 125 -6.32 -10.33 17.43
CA LEU A 125 -6.12 -11.23 18.56
C LEU A 125 -5.22 -12.40 18.19
N VAL A 126 -3.92 -12.22 18.39
CA VAL A 126 -2.94 -13.23 18.05
C VAL A 126 -2.68 -14.15 19.25
N MSE B 8 21.05 1.49 -5.64
CA MSE B 8 20.23 0.28 -5.89
C MSE B 8 19.24 0.58 -7.01
O MSE B 8 18.71 1.68 -7.12
CB MSE B 8 19.50 -0.14 -4.61
CG MSE B 8 20.38 -0.13 -3.36
SE MSE B 8 20.25 1.55 -2.41
CE MSE B 8 21.79 2.40 -3.18
N GLN B 9 19.00 -0.43 -7.84
CA GLN B 9 18.13 -0.31 -8.99
C GLN B 9 16.92 -1.22 -8.85
N ALA B 10 15.76 -0.71 -9.27
CA ALA B 10 14.49 -1.44 -9.24
C ALA B 10 14.02 -1.65 -10.67
N THR B 11 13.16 -2.65 -10.89
CA THR B 11 12.66 -2.95 -12.23
C THR B 11 11.14 -2.93 -12.29
N VAL B 12 10.59 -2.26 -13.30
CA VAL B 12 9.13 -2.17 -13.47
C VAL B 12 8.63 -3.48 -14.10
N THR B 13 7.68 -4.13 -13.44
CA THR B 13 7.14 -5.38 -13.95
C THR B 13 5.68 -5.28 -14.38
N GLU B 14 5.00 -4.23 -13.93
CA GLU B 14 3.60 -4.04 -14.29
C GLU B 14 3.23 -2.57 -14.21
N ILE B 15 2.30 -2.15 -15.05
CA ILE B 15 1.84 -0.77 -15.08
C ILE B 15 0.32 -0.77 -15.18
N GLY B 16 -0.34 -0.22 -14.16
CA GLY B 16 -1.80 -0.16 -14.15
C GLY B 16 -2.33 0.78 -15.22
N LYS B 17 -3.55 0.52 -15.69
CA LYS B 17 -4.10 1.37 -16.74
C LYS B 17 -4.32 2.80 -16.30
N HIS B 18 -4.54 3.01 -15.01
CA HIS B 18 -4.75 4.36 -14.49
C HIS B 18 -3.54 4.81 -13.68
N ALA B 19 -2.38 4.25 -13.99
CA ALA B 19 -1.17 4.57 -13.27
C ALA B 19 -0.43 5.78 -13.77
N ILE B 20 -0.44 5.99 -15.09
CA ILE B 20 0.29 7.12 -15.66
C ILE B 20 -0.54 8.05 -16.52
N ASP B 21 -0.76 9.26 -16.01
CA ASP B 21 -1.53 10.26 -16.72
C ASP B 21 -0.83 11.58 -16.44
N ASP B 22 -0.32 12.19 -17.50
CA ASP B 22 0.42 13.43 -17.37
C ASP B 22 -0.31 14.54 -16.62
N SER B 23 -1.61 14.70 -16.83
CA SER B 23 -2.34 15.76 -16.13
C SER B 23 -2.29 15.55 -14.62
N GLU B 24 -1.97 14.31 -14.22
CA GLU B 24 -1.86 13.93 -12.81
C GLU B 24 -0.36 13.78 -12.61
N LYS B 25 0.32 14.89 -12.35
CA LYS B 25 1.77 14.86 -12.17
C LYS B 25 2.15 14.00 -10.96
N MSE B 26 1.66 12.76 -10.93
CA MSE B 26 1.92 11.87 -9.80
C MSE B 26 1.87 10.40 -10.24
O MSE B 26 0.99 9.99 -10.97
CB MSE B 26 0.86 12.13 -8.71
CG MSE B 26 1.02 11.33 -7.43
SE MSE B 26 -0.27 11.83 -6.08
CE MSE B 26 -1.38 10.25 -6.25
N ILE B 27 2.85 9.61 -9.80
CA ILE B 27 2.87 8.20 -10.13
C ILE B 27 3.09 7.42 -8.85
N ILE B 28 2.18 6.48 -8.58
CA ILE B 28 2.27 5.66 -7.38
C ILE B 28 3.06 4.39 -7.67
N LEU B 29 4.02 4.11 -6.80
CA LEU B 29 4.84 2.92 -6.91
C LEU B 29 4.32 1.92 -5.88
N PHE B 30 4.33 0.65 -6.25
CA PHE B 30 3.87 -0.43 -5.39
C PHE B 30 4.69 -1.66 -5.68
N GLY B 31 4.71 -2.58 -4.72
CA GLY B 31 5.39 -3.85 -4.93
C GLY B 31 4.30 -4.77 -5.46
N GLU B 32 4.67 -5.97 -5.89
CA GLU B 32 3.70 -6.90 -6.43
C GLU B 32 2.56 -7.38 -5.53
N THR B 33 2.84 -7.54 -4.24
CA THR B 33 1.80 -8.05 -3.35
C THR B 33 0.70 -7.08 -2.95
N ALA B 34 0.74 -5.87 -3.49
CA ALA B 34 -0.31 -4.90 -3.20
C ALA B 34 -1.59 -5.44 -3.85
N THR B 35 -2.74 -5.20 -3.23
CA THR B 35 -4.01 -5.71 -3.79
C THR B 35 -4.19 -5.33 -5.26
N ASP B 36 -4.79 -6.23 -6.04
CA ASP B 36 -5.03 -5.98 -7.47
C ASP B 36 -5.72 -4.66 -7.78
N THR B 37 -6.74 -4.32 -6.99
CA THR B 37 -7.50 -3.08 -7.19
C THR B 37 -6.62 -1.86 -7.10
N LEU B 38 -5.64 -1.90 -6.21
CA LEU B 38 -4.73 -0.78 -6.04
C LEU B 38 -3.72 -0.70 -7.18
N LYS B 39 -3.18 -1.85 -7.59
CA LYS B 39 -2.18 -1.88 -8.65
C LYS B 39 -2.63 -1.29 -9.99
N GLN B 40 -3.94 -1.13 -10.17
N GLN B 40 -3.95 -1.12 -10.15
CA GLN B 40 -4.43 -0.55 -11.42
CA GLN B 40 -4.47 -0.55 -11.38
C GLN B 40 -4.09 0.93 -11.43
C GLN B 40 -4.11 0.93 -11.42
N HIS B 41 -3.83 1.50 -10.26
CA HIS B 41 -3.49 2.91 -10.13
C HIS B 41 -2.00 3.14 -9.96
N ALA B 42 -1.18 2.13 -10.20
CA ALA B 42 0.26 2.31 -9.97
C ALA B 42 1.18 1.59 -10.94
N VAL B 43 2.45 1.90 -10.80
CA VAL B 43 3.51 1.27 -11.56
C VAL B 43 4.07 0.26 -10.56
N ILE B 44 4.27 -0.98 -11.00
CA ILE B 44 4.77 -2.02 -10.11
C ILE B 44 6.26 -2.25 -10.27
N GLN B 45 6.98 -2.18 -9.15
CA GLN B 45 8.41 -2.35 -9.19
C GLN B 45 8.94 -3.52 -8.35
N SER B 46 10.01 -4.11 -8.85
CA SER B 46 10.72 -5.19 -8.19
C SER B 46 11.97 -4.46 -7.77
N PHE B 47 12.12 -4.24 -6.47
CA PHE B 47 13.25 -3.51 -5.92
C PHE B 47 13.96 -4.37 -4.87
N PRO B 48 14.87 -5.25 -5.30
CA PRO B 48 15.64 -6.17 -4.45
C PRO B 48 16.38 -5.57 -3.25
N GLU B 49 17.16 -4.52 -3.50
CA GLU B 49 17.95 -3.86 -2.47
C GLU B 49 17.14 -2.77 -1.77
N LYS B 50 15.82 -2.87 -1.78
CA LYS B 50 15.00 -1.83 -1.19
C LYS B 50 15.30 -1.47 0.26
N ASP B 51 15.68 -2.45 1.05
CA ASP B 51 15.96 -2.17 2.45
C ASP B 51 17.20 -1.33 2.68
N GLN B 52 17.97 -1.10 1.63
CA GLN B 52 19.19 -0.30 1.74
C GLN B 52 19.02 1.19 1.41
N VAL B 53 17.86 1.57 0.90
CA VAL B 53 17.64 2.97 0.51
C VAL B 53 17.16 3.97 1.55
N THR B 54 17.79 5.13 1.52
CA THR B 54 17.41 6.22 2.41
C THR B 54 17.45 7.49 1.55
N LEU B 55 16.28 7.90 1.07
CA LEU B 55 16.18 9.08 0.25
C LEU B 55 16.20 10.37 1.05
N ALA B 56 16.81 11.39 0.47
CA ALA B 56 16.90 12.70 1.10
C ALA B 56 16.90 13.74 -0.01
N GLU B 57 16.53 14.99 0.31
CA GLU B 57 16.54 16.04 -0.69
C GLU B 57 17.95 16.12 -1.27
N GLY B 58 18.07 16.26 -2.58
CA GLY B 58 19.39 16.34 -3.20
C GLY B 58 19.72 15.09 -3.98
N ASP B 59 19.22 13.96 -3.50
CA ASP B 59 19.46 12.68 -4.17
C ASP B 59 18.86 12.70 -5.57
N HIS B 60 18.97 11.59 -6.28
CA HIS B 60 18.47 11.50 -7.64
C HIS B 60 17.79 10.18 -7.94
N LEU B 61 16.78 10.21 -8.79
CA LEU B 61 16.11 8.99 -9.22
C LEU B 61 16.21 9.01 -10.74
N LYS B 62 16.73 7.94 -11.33
CA LYS B 62 16.80 7.85 -12.78
C LYS B 62 15.74 6.84 -13.18
N ILE B 63 14.63 7.33 -13.73
CA ILE B 63 13.54 6.47 -14.16
C ILE B 63 13.65 6.28 -15.67
N GLY B 64 14.14 5.12 -16.08
CA GLY B 64 14.30 4.90 -17.49
C GLY B 64 15.43 5.78 -18.00
N ASP B 65 15.12 6.75 -18.85
CA ASP B 65 16.14 7.61 -19.42
C ASP B 65 16.24 9.01 -18.81
N THR B 66 15.27 9.39 -18.00
CA THR B 66 15.27 10.71 -17.38
C THR B 66 15.82 10.71 -15.96
N ASN B 67 16.68 11.69 -15.67
CA ASN B 67 17.26 11.83 -14.35
C ASN B 67 16.50 12.94 -13.62
N TYR B 68 15.98 12.62 -12.44
CA TYR B 68 15.23 13.56 -11.62
C TYR B 68 16.00 13.87 -10.34
N THR B 69 15.72 15.02 -9.75
CA THR B 69 16.34 15.44 -8.50
C THR B 69 15.24 15.52 -7.42
N ILE B 70 15.47 14.86 -6.29
CA ILE B 70 14.51 14.87 -5.18
C ILE B 70 14.64 16.21 -4.48
N THR B 71 13.53 16.95 -4.40
CA THR B 71 13.51 18.25 -3.77
C THR B 71 12.89 18.22 -2.38
N LYS B 72 12.11 17.18 -2.09
CA LYS B 72 11.46 17.05 -0.80
C LYS B 72 11.08 15.61 -0.59
N VAL B 73 10.98 15.19 0.67
CA VAL B 73 10.60 13.83 1.03
C VAL B 73 9.63 13.87 2.20
N GLY B 74 8.49 13.19 2.06
CA GLY B 74 7.51 13.13 3.14
C GLY B 74 8.10 12.30 4.27
N SER B 75 7.61 12.45 5.49
CA SER B 75 8.17 11.69 6.62
C SER B 75 8.05 10.17 6.55
N PHE B 76 7.21 9.66 5.64
CA PHE B 76 7.00 8.22 5.48
C PHE B 76 7.58 7.61 4.20
N ALA B 77 8.18 8.45 3.35
CA ALA B 77 8.76 8.00 2.09
C ALA B 77 9.84 6.92 2.27
N ASN B 78 10.78 7.16 3.17
CA ASN B 78 11.86 6.21 3.42
C ASN B 78 11.33 4.91 4.02
N SER B 79 10.49 5.01 5.05
CA SER B 79 9.94 3.82 5.70
C SER B 79 9.16 2.97 4.70
N ASN B 80 8.21 3.58 4.01
CA ASN B 80 7.37 2.88 3.03
C ASN B 80 8.15 2.24 1.89
N LEU B 81 9.17 2.93 1.40
CA LEU B 81 9.94 2.38 0.30
C LEU B 81 10.83 1.22 0.74
N GLN B 82 11.58 1.44 1.82
CA GLN B 82 12.50 0.42 2.34
C GLN B 82 11.81 -0.88 2.72
N SER B 83 10.64 -0.76 3.31
CA SER B 83 9.90 -1.91 3.79
C SER B 83 9.12 -2.72 2.77
N ILE B 84 8.36 -2.05 1.91
CA ILE B 84 7.52 -2.75 0.96
C ILE B 84 7.56 -2.21 -0.48
N ALA B 85 8.48 -1.28 -0.74
CA ALA B 85 8.67 -0.68 -2.07
C ALA B 85 7.51 0.19 -2.53
N HIS B 86 6.79 0.77 -1.58
CA HIS B 86 5.65 1.64 -1.90
C HIS B 86 6.03 3.10 -1.71
N SER B 87 5.61 3.95 -2.65
CA SER B 87 5.91 5.37 -2.57
C SER B 87 5.08 6.15 -3.57
N THR B 88 5.09 7.47 -3.43
CA THR B 88 4.34 8.33 -4.33
C THR B 88 5.26 9.38 -4.97
N LEU B 89 5.59 9.20 -6.24
CA LEU B 89 6.45 10.13 -6.98
C LEU B 89 5.62 11.34 -7.40
N ILE B 90 6.07 12.54 -7.05
CA ILE B 90 5.32 13.75 -7.37
C ILE B 90 6.18 14.68 -8.21
N PHE B 91 5.83 14.81 -9.49
CA PHE B 91 6.57 15.64 -10.43
C PHE B 91 6.12 17.10 -10.41
N ALA B 92 6.29 17.71 -9.23
CA ALA B 92 5.91 19.10 -8.99
C ALA B 92 6.64 19.58 -7.75
N ASP B 93 6.45 20.85 -7.41
CA ASP B 93 7.10 21.40 -6.23
C ASP B 93 6.32 21.02 -4.97
N ALA B 94 7.04 20.83 -3.87
CA ALA B 94 6.40 20.47 -2.61
C ALA B 94 5.46 21.59 -2.20
N PRO B 95 4.37 21.25 -1.52
CA PRO B 95 3.48 22.34 -1.12
C PRO B 95 4.19 23.23 -0.09
N THR B 96 3.85 24.51 -0.06
CA THR B 96 4.45 25.44 0.88
C THR B 96 4.00 25.11 2.30
N ASP B 97 2.73 24.71 2.44
CA ASP B 97 2.16 24.34 3.73
C ASP B 97 2.59 22.91 4.05
N GLU B 98 3.41 22.75 5.08
CA GLU B 98 3.89 21.43 5.49
C GLU B 98 2.83 20.37 5.72
N ASP B 99 1.62 20.78 6.12
CA ASP B 99 0.57 19.80 6.39
C ASP B 99 -0.02 19.20 5.12
N ASP B 100 0.26 19.83 3.99
CA ASP B 100 -0.25 19.33 2.72
C ASP B 100 0.75 18.41 2.01
N VAL B 101 1.93 18.25 2.61
CA VAL B 101 2.98 17.39 2.06
C VAL B 101 2.53 15.92 2.12
N ILE B 102 2.61 15.22 0.98
CA ILE B 102 2.20 13.83 0.92
C ILE B 102 3.16 13.01 1.78
N ARG B 103 2.60 12.30 2.75
CA ARG B 103 3.38 11.50 3.68
C ARG B 103 4.50 10.64 3.10
N ASN B 104 4.22 9.82 2.08
CA ASN B 104 5.29 9.03 1.50
C ASN B 104 5.69 9.61 0.17
N GLY B 105 5.50 10.93 0.04
CA GLY B 105 5.84 11.61 -1.19
C GLY B 105 7.33 11.77 -1.40
N VAL B 106 7.72 11.75 -2.66
CA VAL B 106 9.09 11.94 -3.08
C VAL B 106 8.90 12.92 -4.22
N TYR B 107 9.05 14.20 -3.92
CA TYR B 107 8.88 15.29 -4.88
C TYR B 107 10.09 15.42 -5.79
N LEU B 108 9.84 15.43 -7.10
CA LEU B 108 10.89 15.48 -8.11
C LEU B 108 10.92 16.70 -9.04
N THR B 109 12.06 16.86 -9.70
CA THR B 109 12.30 17.91 -10.68
C THR B 109 13.38 17.37 -11.63
N PRO B 110 13.25 17.59 -12.94
CA PRO B 110 12.19 18.30 -13.68
C PRO B 110 10.80 17.67 -13.52
N HIS B 111 9.80 18.36 -14.04
CA HIS B 111 8.42 17.89 -13.94
C HIS B 111 7.95 17.10 -15.14
N GLN B 112 8.83 16.91 -16.12
CA GLN B 112 8.49 16.12 -17.29
C GLN B 112 8.16 14.72 -16.78
N LEU B 113 7.08 14.13 -17.29
CA LEU B 113 6.71 12.80 -16.84
C LEU B 113 7.67 11.79 -17.44
N PRO B 114 7.96 10.71 -16.68
CA PRO B 114 8.89 9.68 -17.17
C PRO B 114 8.28 8.81 -18.27
N LYS B 115 9.13 8.06 -18.95
CA LYS B 115 8.69 7.16 -20.00
C LYS B 115 8.88 5.74 -19.43
N ILE B 116 7.78 5.13 -19.00
CA ILE B 116 7.88 3.81 -18.40
C ILE B 116 7.13 2.72 -19.15
N THR B 117 7.77 1.58 -19.29
CA THR B 117 7.16 0.42 -19.93
C THR B 117 7.67 -0.77 -19.12
N ILE B 118 7.08 -1.95 -19.30
CA ILE B 118 7.53 -3.13 -18.55
C ILE B 118 9.01 -3.33 -18.83
N GLY B 119 9.81 -3.40 -17.77
CA GLY B 119 11.23 -3.59 -17.93
C GLY B 119 12.01 -2.33 -17.62
N THR B 120 11.30 -1.20 -17.55
CA THR B 120 11.95 0.08 -17.25
C THR B 120 12.64 0.00 -15.89
N THR B 121 13.82 0.58 -15.79
CA THR B 121 14.55 0.55 -14.54
C THR B 121 14.50 1.89 -13.79
N ILE B 122 14.45 1.79 -12.46
CA ILE B 122 14.45 2.96 -11.59
C ILE B 122 15.70 2.89 -10.72
N ASP B 123 16.66 3.78 -10.97
CA ASP B 123 17.87 3.80 -10.18
C ASP B 123 17.72 4.79 -9.03
N TYR B 124 17.85 4.28 -7.81
CA TYR B 124 17.74 5.10 -6.61
C TYR B 124 19.16 5.52 -6.23
N LEU B 125 19.64 6.57 -6.89
CA LEU B 125 20.98 7.13 -6.69
C LEU B 125 21.04 8.06 -5.48
N VAL B 126 21.33 7.49 -4.31
CA VAL B 126 21.40 8.26 -3.07
C VAL B 126 22.72 9.03 -2.91
#